data_4XJT
#
_entry.id   4XJT
#
_cell.length_a   51.017
_cell.length_b   63.950
_cell.length_c   72.308
_cell.angle_alpha   90.000
_cell.angle_beta   90.000
_cell.angle_gamma   90.000
#
_symmetry.space_group_name_H-M   'P 21 21 21'
#
loop_
_entity.id
_entity.type
_entity.pdbx_description
1 polymer 'ADP-ribosyl cyclase/cyclic ADP-ribose hydrolase 1'
2 non-polymer 4-[(2,6-dimethylbenzyl)amino]-2-methylquinoline-8-carboxamide
3 non-polymer '[(2R,3R,4R,5R)-5-(6-AMINO-9H-PURIN-9-YL)-3-HYDROXY-4-(PHOSPHONOOXY)TETRAHYDROFURAN-2-YL]METHYL [(2R,3S,4S)-3,4-DIHYDROXYTETRAHYDROFURAN-2-YL]METHYL DIHYDROGEN DIPHOSPHATE'
4 water water
#
_entity_poly.entity_id   1
_entity_poly.type   'polypeptide(L)'
_entity_poly.pdbx_seq_one_letter_code
;RGKNPEDWRQQWSGPGTTKRFPETVLARCVKYTEIHPEMRHVDCQSVWDAFKGAFISKHPCDITEEDYQPLMKLGTQTVP
CNKILLWSRIKDLAHQFTQVQRDMFTLEDTLLGYLADDLTWCGEFATSKINYQSCPDWRKDCSNNPVSVFWKTVSRRFAE
AACDVVHVMLDGSRSKIFDKDSTFGSVQVHNLQPEKVQTLEAWVIHGGREDSRDLCQDPTIKELESIISKRNIQFSCKNI
YRPDKFLQCVKNPEDSSCTSEI
;
_entity_poly.pdbx_strand_id   A
#
# COMPACT_ATOMS: atom_id res chain seq x y z
N TRP A 8 -9.59 -9.02 33.93
CA TRP A 8 -9.76 -9.47 32.52
C TRP A 8 -9.65 -8.30 31.54
N ARG A 9 -8.56 -8.29 30.78
CA ARG A 9 -8.41 -7.40 29.64
C ARG A 9 -8.07 -8.25 28.42
N GLN A 10 -8.84 -8.06 27.34
CA GLN A 10 -8.73 -8.89 26.14
C GLN A 10 -7.37 -8.81 25.46
N GLN A 11 -6.84 -9.95 25.02
CA GLN A 11 -5.53 -9.99 24.41
C GLN A 11 -5.62 -10.62 23.02
N TRP A 12 -5.17 -9.84 22.04
CA TRP A 12 -5.08 -10.25 20.67
C TRP A 12 -3.72 -10.89 20.44
N SER A 13 -3.53 -11.46 19.26
CA SER A 13 -2.30 -12.15 18.92
C SER A 13 -1.30 -11.24 18.22
N GLY A 14 -1.75 -10.06 17.78
CA GLY A 14 -0.86 -9.12 17.10
C GLY A 14 -0.27 -8.06 18.03
N PRO A 15 0.84 -7.43 17.60
CA PRO A 15 1.38 -6.31 18.37
C PRO A 15 0.39 -5.17 18.45
N GLY A 16 0.41 -4.46 19.57
CA GLY A 16 -0.46 -3.31 19.78
C GLY A 16 -0.05 -2.08 18.98
N THR A 17 -0.89 -1.06 19.09
CA THR A 17 -0.68 0.20 18.41
C THR A 17 0.73 0.69 18.72
N THR A 18 1.44 1.09 17.67
CA THR A 18 2.76 1.66 17.80
C THR A 18 2.76 2.78 18.85
N LYS A 19 3.79 2.82 19.70
CA LYS A 19 3.96 3.90 20.67
C LYS A 19 3.94 5.22 19.95
N ARG A 20 3.21 6.19 20.51
CA ARG A 20 3.21 7.58 20.01
C ARG A 20 2.61 7.68 18.60
N PHE A 21 1.67 6.78 18.31
CA PHE A 21 1.06 6.64 16.98
C PHE A 21 0.30 7.91 16.58
N PRO A 22 -0.49 8.49 17.52
CA PRO A 22 -1.17 9.78 17.26
C PRO A 22 -0.18 10.89 16.94
N GLU A 23 0.86 11.00 17.74
N GLU A 23 0.84 11.01 17.78
CA GLU A 23 1.86 12.03 17.56
CA GLU A 23 1.93 11.97 17.61
C GLU A 23 2.66 11.78 16.26
C GLU A 23 2.64 11.77 16.26
N THR A 24 2.78 10.53 15.85
CA THR A 24 3.51 10.19 14.63
C THR A 24 2.68 10.54 13.39
N VAL A 25 1.45 10.05 13.33
CA VAL A 25 0.57 10.30 12.19
C VAL A 25 0.44 11.80 11.92
N LEU A 26 0.25 12.58 12.99
CA LEU A 26 0.08 14.02 12.89
C LEU A 26 1.35 14.69 12.41
N ALA A 27 2.49 14.25 12.94
CA ALA A 27 3.78 14.73 12.50
C ALA A 27 4.04 14.40 11.04
N ARG A 28 3.67 13.19 10.64
CA ARG A 28 3.79 12.79 9.25
C ARG A 28 2.95 13.66 8.33
N CYS A 29 1.73 13.96 8.75
CA CYS A 29 0.84 14.74 7.92
C CYS A 29 1.42 16.12 7.73
N VAL A 30 1.90 16.70 8.84
CA VAL A 30 2.47 18.05 8.78
C VAL A 30 3.69 18.08 7.88
N LYS A 31 4.54 17.06 8.00
CA LYS A 31 5.75 17.02 7.20
C LYS A 31 5.43 16.81 5.72
N TYR A 32 4.48 15.92 5.41
CA TYR A 32 4.16 15.66 4.01
C TYR A 32 3.67 16.93 3.36
N THR A 33 2.84 17.69 4.07
CA THR A 33 2.25 18.91 3.53
C THR A 33 3.33 19.97 3.28
N GLU A 34 4.25 20.12 4.24
CA GLU A 34 5.41 21.01 4.07
C GLU A 34 6.21 20.75 2.79
N ILE A 35 6.46 19.48 2.45
CA ILE A 35 7.29 19.15 1.28
C ILE A 35 6.51 18.95 -0.02
N HIS A 36 5.19 18.69 0.08
CA HIS A 36 4.33 18.59 -1.10
C HIS A 36 3.39 19.79 -1.14
N PRO A 37 3.86 20.91 -1.71
CA PRO A 37 3.14 22.20 -1.71
C PRO A 37 1.67 22.12 -2.13
N GLU A 38 1.35 21.19 -3.02
CA GLU A 38 -0.02 20.99 -3.48
C GLU A 38 -1.00 20.48 -2.38
N MET A 39 -0.48 20.04 -1.23
CA MET A 39 -1.31 19.55 -0.13
C MET A 39 -1.40 20.54 1.03
N ARG A 40 -0.70 21.67 0.93
CA ARG A 40 -0.53 22.60 2.07
C ARG A 40 -1.83 23.08 2.77
N HIS A 41 -2.95 23.17 2.03
CA HIS A 41 -4.24 23.60 2.61
C HIS A 41 -4.88 22.56 3.54
N VAL A 42 -4.45 21.31 3.41
CA VAL A 42 -4.96 20.22 4.23
C VAL A 42 -4.80 20.43 5.74
N ASP A 43 -5.90 20.25 6.48
CA ASP A 43 -5.91 20.42 7.92
C ASP A 43 -5.53 19.10 8.55
N CYS A 44 -4.31 19.05 9.09
CA CYS A 44 -3.76 17.82 9.60
C CYS A 44 -4.42 17.38 10.89
N GLN A 45 -4.93 18.32 11.68
CA GLN A 45 -5.66 17.95 12.89
C GLN A 45 -7.01 17.28 12.51
N SER A 46 -7.60 17.69 11.39
CA SER A 46 -8.84 17.08 10.90
C SER A 46 -8.55 15.73 10.28
N VAL A 47 -7.39 15.63 9.64
CA VAL A 47 -6.94 14.35 9.07
C VAL A 47 -6.71 13.32 10.17
N TRP A 48 -6.06 13.70 11.26
CA TRP A 48 -5.90 12.79 12.40
C TRP A 48 -7.24 12.37 12.99
N ASP A 49 -8.14 13.35 13.20
CA ASP A 49 -9.46 13.09 13.82
C ASP A 49 -10.29 12.08 13.00
N ALA A 50 -10.22 12.20 11.68
CA ALA A 50 -10.90 11.29 10.76
C ALA A 50 -10.29 9.90 10.84
N PHE A 51 -8.96 9.83 10.85
CA PHE A 51 -8.24 8.57 11.01
C PHE A 51 -8.73 7.91 12.30
N LYS A 52 -8.60 8.63 13.40
CA LYS A 52 -9.03 8.18 14.70
C LYS A 52 -10.50 7.73 14.65
N GLY A 53 -11.35 8.55 14.04
CA GLY A 53 -12.77 8.26 13.94
C GLY A 53 -13.14 6.93 13.27
N ALA A 54 -12.28 6.45 12.40
CA ALA A 54 -12.53 5.20 11.70
C ALA A 54 -12.53 3.98 12.61
N PHE A 55 -11.72 4.00 13.66
CA PHE A 55 -11.48 2.78 14.44
C PHE A 55 -11.72 2.82 15.97
N ILE A 56 -11.68 4.00 16.60
CA ILE A 56 -11.99 4.08 18.06
C ILE A 56 -13.44 3.77 18.33
N SER A 57 -13.68 3.20 19.50
CA SER A 57 -15.06 2.88 19.94
C SER A 57 -15.70 1.75 19.11
N LYS A 58 -14.95 1.19 18.17
CA LYS A 58 -15.41 0.06 17.40
C LYS A 58 -14.66 -1.18 17.85
N HIS A 59 -15.37 -2.29 17.92
CA HIS A 59 -14.69 -3.58 18.01
C HIS A 59 -13.65 -3.62 16.89
N PRO A 60 -12.42 -4.01 17.20
CA PRO A 60 -11.36 -4.02 16.19
C PRO A 60 -11.49 -5.11 15.10
N CYS A 61 -12.61 -5.86 15.08
CA CYS A 61 -12.91 -6.87 14.06
C CYS A 61 -14.13 -6.50 13.22
N ASP A 62 -14.80 -5.42 13.58
CA ASP A 62 -16.01 -4.97 12.91
C ASP A 62 -15.75 -3.69 12.12
N ILE A 63 -14.58 -3.59 11.49
CA ILE A 63 -14.21 -2.39 10.73
C ILE A 63 -14.57 -2.57 9.24
N THR A 64 -15.10 -1.52 8.63
CA THR A 64 -15.52 -1.56 7.24
C THR A 64 -14.77 -0.48 6.49
N GLU A 65 -14.69 -0.64 5.18
CA GLU A 65 -14.17 0.41 4.31
C GLU A 65 -14.89 1.75 4.54
N GLU A 66 -16.19 1.71 4.80
CA GLU A 66 -16.96 2.92 4.97
C GLU A 66 -16.48 3.70 6.19
N ASP A 67 -15.95 3.00 7.18
CA ASP A 67 -15.33 3.68 8.33
C ASP A 67 -14.21 4.61 7.91
N TYR A 68 -13.44 4.21 6.90
CA TYR A 68 -12.32 5.01 6.43
C TYR A 68 -12.69 6.12 5.41
N GLN A 69 -13.98 6.30 5.11
CA GLN A 69 -14.39 7.32 4.12
C GLN A 69 -14.07 8.77 4.53
N PRO A 70 -14.45 9.18 5.75
CA PRO A 70 -14.08 10.54 6.11
C PRO A 70 -12.58 10.83 5.91
N LEU A 71 -11.71 9.91 6.29
CA LEU A 71 -10.26 10.06 6.03
C LEU A 71 -9.89 10.05 4.53
N MET A 72 -10.51 9.18 3.74
CA MET A 72 -10.20 9.11 2.32
C MET A 72 -10.49 10.45 1.62
N LYS A 73 -11.63 11.05 1.97
CA LYS A 73 -12.06 12.31 1.37
C LYS A 73 -11.05 13.43 1.64
N LEU A 74 -10.65 13.56 2.91
CA LEU A 74 -9.65 14.57 3.32
C LEU A 74 -8.29 14.33 2.69
N GLY A 75 -8.01 13.08 2.36
CA GLY A 75 -6.71 12.69 1.78
C GLY A 75 -6.79 12.36 0.30
N THR A 76 -7.71 13.00 -0.38
CA THR A 76 -7.86 12.83 -1.81
C THR A 76 -6.61 13.38 -2.43
N GLN A 77 -6.00 12.58 -3.28
CA GLN A 77 -4.78 12.94 -3.95
C GLN A 77 -4.67 12.00 -5.13
N THR A 78 -5.02 12.51 -6.31
CA THR A 78 -4.93 11.73 -7.52
C THR A 78 -3.63 12.09 -8.23
N VAL A 79 -2.57 11.36 -7.87
CA VAL A 79 -1.27 11.54 -8.50
C VAL A 79 -1.31 11.21 -9.99
N PRO A 80 -0.28 11.63 -10.74
CA PRO A 80 -0.36 11.31 -12.15
C PRO A 80 -0.41 9.78 -12.33
N CYS A 81 -1.48 9.30 -12.96
CA CYS A 81 -1.79 7.87 -12.99
C CYS A 81 -0.83 7.05 -13.83
N ASN A 82 -0.08 7.72 -14.69
CA ASN A 82 0.88 7.03 -15.54
C ASN A 82 2.23 6.91 -14.87
N LYS A 83 2.32 7.32 -13.60
CA LYS A 83 3.58 7.32 -12.84
C LYS A 83 3.51 6.39 -11.65
N ILE A 84 2.79 5.28 -11.77
CA ILE A 84 2.48 4.49 -10.58
C ILE A 84 3.38 3.28 -10.51
N LEU A 85 3.86 2.98 -9.29
CA LEU A 85 4.66 1.79 -9.06
C LEU A 85 4.03 0.87 -8.02
N LEU A 86 3.60 -0.31 -8.42
CA LEU A 86 3.14 -1.32 -7.49
C LEU A 86 4.32 -2.21 -7.08
N TRP A 87 4.17 -2.92 -5.96
CA TRP A 87 5.23 -3.80 -5.45
C TRP A 87 4.65 -4.96 -4.64
N SER A 88 5.46 -6.00 -4.43
CA SER A 88 5.03 -7.15 -3.64
C SER A 88 6.23 -7.74 -2.91
N ARG A 89 6.19 -7.66 -1.57
CA ARG A 89 7.19 -8.31 -0.71
C ARG A 89 8.60 -7.81 -1.01
N ILE A 90 8.71 -6.53 -1.35
CA ILE A 90 9.99 -5.90 -1.71
C ILE A 90 9.85 -4.38 -1.61
N LYS A 91 9.25 -3.97 -0.50
CA LYS A 91 8.92 -2.58 -0.18
C LYS A 91 10.15 -1.68 -0.11
N ASP A 92 11.22 -2.19 0.52
CA ASP A 92 12.49 -1.45 0.66
C ASP A 92 12.92 -0.86 -0.69
N LEU A 93 13.15 -1.73 -1.66
CA LEU A 93 13.73 -1.30 -2.92
C LEU A 93 12.76 -0.44 -3.71
N ALA A 94 11.50 -0.86 -3.79
CA ALA A 94 10.43 -0.07 -4.39
C ALA A 94 10.47 1.40 -3.95
N HIS A 95 10.72 1.61 -2.65
CA HIS A 95 10.84 2.97 -2.12
C HIS A 95 12.15 3.66 -2.47
N GLN A 96 13.25 2.90 -2.53
CA GLN A 96 14.51 3.47 -2.98
C GLN A 96 14.34 4.00 -4.39
N PHE A 97 13.64 3.24 -5.21
CA PHE A 97 13.39 3.62 -6.60
C PHE A 97 12.69 4.98 -6.71
N THR A 98 11.59 5.18 -5.98
CA THR A 98 10.84 6.45 -6.09
C THR A 98 11.51 7.64 -5.38
N GLN A 99 12.50 7.36 -4.53
CA GLN A 99 13.39 8.41 -4.03
C GLN A 99 14.33 8.93 -5.11
N VAL A 100 14.72 8.06 -6.05
CA VAL A 100 15.61 8.41 -7.15
C VAL A 100 14.81 8.89 -8.36
N GLN A 101 13.88 8.06 -8.81
CA GLN A 101 12.93 8.42 -9.87
C GLN A 101 11.79 9.15 -9.18
N ARG A 102 12.02 10.43 -8.90
CA ARG A 102 11.19 11.19 -7.95
C ARG A 102 9.79 11.51 -8.46
N ASP A 103 9.59 11.43 -9.78
CA ASP A 103 8.28 11.63 -10.41
C ASP A 103 7.33 10.40 -10.25
N MET A 104 7.91 9.22 -10.06
CA MET A 104 7.13 8.00 -9.82
C MET A 104 6.60 7.94 -8.39
N PHE A 105 5.47 7.27 -8.21
CA PHE A 105 4.76 7.18 -6.93
C PHE A 105 4.39 5.74 -6.56
N THR A 106 4.73 5.33 -5.35
CA THR A 106 4.09 4.19 -4.71
C THR A 106 2.97 4.69 -3.81
N LEU A 107 2.15 3.76 -3.34
CA LEU A 107 1.05 4.04 -2.43
C LEU A 107 1.53 4.77 -1.20
N GLU A 108 2.73 4.39 -0.74
CA GLU A 108 3.33 4.94 0.46
C GLU A 108 3.90 6.33 0.25
N ASP A 109 3.99 6.78 -1.01
CA ASP A 109 4.38 8.14 -1.33
C ASP A 109 3.18 9.03 -1.44
N THR A 110 1.98 8.45 -1.37
CA THR A 110 0.76 9.25 -1.26
C THR A 110 0.54 9.60 0.19
N LEU A 111 -0.19 10.68 0.45
CA LEU A 111 -0.38 11.14 1.81
C LEU A 111 -0.90 10.04 2.70
N LEU A 112 -1.98 9.39 2.32
CA LEU A 112 -2.62 8.43 3.21
C LEU A 112 -1.72 7.25 3.49
N GLY A 113 -0.99 6.82 2.48
CA GLY A 113 -0.05 5.68 2.64
C GLY A 113 1.18 6.08 3.42
N TYR A 114 1.65 7.31 3.18
CA TYR A 114 2.76 7.89 3.92
C TYR A 114 2.48 7.86 5.42
N LEU A 115 1.23 8.19 5.80
CA LEU A 115 0.81 8.29 7.21
C LEU A 115 0.86 6.97 7.94
N ALA A 116 0.50 5.90 7.25
CA ALA A 116 0.27 4.60 7.89
C ALA A 116 1.41 3.62 7.73
N ASP A 117 2.35 3.92 6.85
CA ASP A 117 3.43 3.00 6.52
C ASP A 117 4.16 2.54 7.77
N ASP A 118 4.29 1.22 7.91
CA ASP A 118 5.06 0.60 8.98
C ASP A 118 4.40 0.71 10.36
N LEU A 119 3.19 1.26 10.41
CA LEU A 119 2.53 1.47 11.69
C LEU A 119 1.46 0.43 11.93
N THR A 120 1.09 0.27 13.18
CA THR A 120 -0.02 -0.58 13.59
C THR A 120 -0.95 0.19 14.55
N TRP A 121 -2.24 -0.11 14.52
CA TRP A 121 -3.18 0.61 15.35
C TRP A 121 -4.49 -0.14 15.51
N CYS A 122 -5.06 -0.06 16.71
CA CYS A 122 -6.42 -0.52 16.94
C CYS A 122 -7.01 0.13 18.17
N GLY A 123 -8.35 0.12 18.24
CA GLY A 123 -9.10 0.60 19.39
C GLY A 123 -9.90 -0.53 19.99
N GLU A 124 -11.00 -0.19 20.67
CA GLU A 124 -11.86 -1.18 21.28
C GLU A 124 -13.28 -0.70 21.33
N PHE A 125 -14.17 -1.66 21.55
CA PHE A 125 -15.58 -1.37 21.52
C PHE A 125 -15.97 -0.41 22.64
N ALA A 126 -16.74 0.62 22.26
CA ALA A 126 -17.45 1.54 23.18
C ALA A 126 -16.61 2.69 23.81
N THR A 127 -15.30 2.50 24.01
CA THR A 127 -14.46 3.57 24.56
C THR A 127 -13.64 4.24 23.46
N SER A 128 -13.07 5.39 23.79
CA SER A 128 -12.22 6.12 22.85
C SER A 128 -10.73 5.80 23.05
N LYS A 129 -10.44 4.69 23.72
CA LYS A 129 -9.06 4.29 23.97
C LYS A 129 -8.44 3.59 22.78
N ILE A 130 -7.17 3.92 22.56
CA ILE A 130 -6.32 3.23 21.61
C ILE A 130 -5.68 2.10 22.37
N ASN A 131 -5.59 0.94 21.74
CA ASN A 131 -5.03 -0.22 22.41
C ASN A 131 -3.56 -0.37 22.05
N TYR A 132 -2.70 -0.10 23.05
CA TYR A 132 -1.26 -0.12 22.86
C TYR A 132 -0.62 -1.46 23.25
N GLN A 133 -1.41 -2.43 23.67
CA GLN A 133 -0.88 -3.73 24.13
C GLN A 133 -1.05 -4.83 23.11
N SER A 134 -2.24 -4.92 22.51
CA SER A 134 -2.42 -5.85 21.40
C SER A 134 -3.42 -5.35 20.37
N CYS A 135 -3.26 -5.83 19.15
CA CYS A 135 -4.23 -5.63 18.08
C CYS A 135 -4.41 -6.94 17.33
N PRO A 136 -5.61 -7.15 16.76
CA PRO A 136 -5.93 -8.44 16.14
C PRO A 136 -5.01 -8.81 14.99
N ASP A 137 -4.44 -10.02 15.04
CA ASP A 137 -3.71 -10.60 13.91
C ASP A 137 -4.71 -10.95 12.82
N TRP A 138 -4.38 -10.62 11.57
CA TRP A 138 -5.32 -10.84 10.46
C TRP A 138 -5.62 -12.35 10.27
N ARG A 139 -4.60 -13.18 10.56
CA ARG A 139 -4.68 -14.63 10.37
C ARG A 139 -5.36 -15.35 11.55
N LYS A 140 -4.86 -15.12 12.75
CA LYS A 140 -5.29 -15.87 13.93
C LYS A 140 -6.55 -15.34 14.60
N ASP A 141 -6.85 -14.06 14.41
CA ASP A 141 -7.92 -13.38 15.16
C ASP A 141 -9.10 -12.98 14.26
N CYS A 142 -8.84 -12.07 13.30
CA CYS A 142 -9.88 -11.56 12.37
C CYS A 142 -9.28 -10.67 11.28
N SER A 143 -9.76 -10.85 10.06
CA SER A 143 -9.24 -10.12 8.91
C SER A 143 -9.83 -8.72 8.75
N ASN A 144 -11.00 -8.46 9.30
CA ASN A 144 -11.57 -7.10 9.28
C ASN A 144 -11.13 -6.23 10.47
N ASN A 145 -9.81 -6.16 10.68
CA ASN A 145 -9.23 -5.26 11.67
C ASN A 145 -8.91 -3.86 11.06
N PRO A 146 -8.60 -2.86 11.92
CA PRO A 146 -8.31 -1.51 11.47
C PRO A 146 -7.20 -1.37 10.46
N VAL A 147 -6.11 -2.12 10.63
CA VAL A 147 -4.96 -1.96 9.76
C VAL A 147 -5.27 -2.56 8.39
N SER A 148 -5.76 -3.79 8.39
CA SER A 148 -5.98 -4.51 7.17
C SER A 148 -7.04 -3.81 6.33
N VAL A 149 -8.11 -3.37 6.98
CA VAL A 149 -9.19 -2.68 6.27
C VAL A 149 -8.67 -1.35 5.69
N PHE A 150 -7.78 -0.69 6.43
CA PHE A 150 -7.22 0.56 5.93
C PHE A 150 -6.49 0.28 4.61
N TRP A 151 -5.55 -0.66 4.64
CA TRP A 151 -4.70 -0.92 3.46
C TRP A 151 -5.50 -1.44 2.28
N LYS A 152 -6.53 -2.23 2.54
CA LYS A 152 -7.40 -2.71 1.48
C LYS A 152 -8.11 -1.54 0.77
N THR A 153 -8.58 -0.57 1.54
CA THR A 153 -9.32 0.55 1.01
C THR A 153 -8.48 1.49 0.14
N VAL A 154 -7.35 1.95 0.67
CA VAL A 154 -6.44 2.83 -0.09
C VAL A 154 -5.79 2.13 -1.29
N SER A 155 -5.42 0.87 -1.14
CA SER A 155 -4.89 0.09 -2.27
C SER A 155 -5.86 0.13 -3.46
N ARG A 156 -7.14 -0.11 -3.18
CA ARG A 156 -8.19 -0.19 -4.20
C ARG A 156 -8.30 1.13 -4.96
N ARG A 157 -8.44 2.23 -4.22
CA ARG A 157 -8.54 3.53 -4.86
C ARG A 157 -7.28 3.82 -5.66
N PHE A 158 -6.13 3.49 -5.10
CA PHE A 158 -4.84 3.71 -5.77
C PHE A 158 -4.73 2.94 -7.09
N ALA A 159 -5.05 1.66 -7.05
CA ALA A 159 -4.97 0.78 -8.21
C ALA A 159 -6.02 1.11 -9.27
N GLU A 160 -7.19 1.55 -8.83
CA GLU A 160 -8.24 1.99 -9.76
C GLU A 160 -7.88 3.27 -10.54
N ALA A 161 -7.15 4.18 -9.90
CA ALA A 161 -6.71 5.43 -10.51
C ALA A 161 -5.67 5.26 -11.60
N ALA A 162 -4.85 4.22 -11.47
CA ALA A 162 -3.71 3.94 -12.36
C ALA A 162 -4.06 3.95 -13.84
N CYS A 163 -3.10 4.35 -14.67
CA CYS A 163 -3.28 4.40 -16.14
C CYS A 163 -1.96 4.13 -16.92
N ASP A 164 -2.10 3.93 -18.23
CA ASP A 164 -0.99 3.70 -19.19
C ASP A 164 -0.26 2.39 -18.93
N VAL A 165 1.07 2.46 -18.75
CA VAL A 165 1.85 1.34 -18.28
C VAL A 165 1.94 1.42 -16.76
N VAL A 166 1.45 0.39 -16.10
CA VAL A 166 1.57 0.27 -14.66
C VAL A 166 2.73 -0.67 -14.43
N HIS A 167 3.60 -0.31 -13.49
CA HIS A 167 4.75 -1.12 -13.19
C HIS A 167 4.60 -1.80 -11.85
N VAL A 168 5.18 -2.98 -11.71
CA VAL A 168 5.13 -3.69 -10.46
C VAL A 168 6.47 -4.37 -10.20
N MET A 169 7.05 -4.10 -9.04
CA MET A 169 8.26 -4.80 -8.62
C MET A 169 7.89 -6.09 -7.91
N LEU A 170 8.66 -7.15 -8.18
CA LEU A 170 8.52 -8.44 -7.50
C LEU A 170 9.88 -8.95 -7.02
N ASP A 171 9.85 -9.67 -5.90
CA ASP A 171 11.07 -10.18 -5.27
C ASP A 171 11.46 -11.50 -5.95
N GLY A 172 12.60 -11.49 -6.62
CA GLY A 172 13.05 -12.64 -7.41
C GLY A 172 13.59 -13.79 -6.59
N SER A 173 13.92 -13.51 -5.32
CA SER A 173 14.36 -14.57 -4.39
C SER A 173 13.21 -15.41 -3.80
N ARG A 174 11.98 -14.88 -3.72
CA ARG A 174 10.87 -15.59 -3.05
C ARG A 174 10.53 -16.90 -3.77
N SER A 175 9.92 -17.84 -3.02
CA SER A 175 9.48 -19.11 -3.60
C SER A 175 8.33 -18.83 -4.55
N LYS A 176 7.55 -17.82 -4.23
CA LYS A 176 6.52 -17.34 -5.13
C LYS A 176 6.78 -15.87 -5.48
N ILE A 177 7.34 -15.67 -6.68
CA ILE A 177 7.70 -14.35 -7.18
C ILE A 177 6.44 -13.51 -7.32
N PHE A 178 5.40 -14.11 -7.91
CA PHE A 178 4.05 -13.58 -7.84
C PHE A 178 3.22 -14.49 -6.95
N ASP A 179 2.66 -13.89 -5.91
CA ASP A 179 1.90 -14.59 -4.90
C ASP A 179 0.47 -14.10 -5.00
N LYS A 180 -0.42 -14.96 -5.50
CA LYS A 180 -1.82 -14.58 -5.70
C LYS A 180 -2.56 -14.30 -4.37
N ASP A 181 -2.02 -14.83 -3.27
CA ASP A 181 -2.58 -14.60 -1.94
C ASP A 181 -1.80 -13.50 -1.22
N SER A 182 -1.91 -12.30 -1.77
CA SER A 182 -1.23 -11.13 -1.25
C SER A 182 -2.02 -9.90 -1.68
N THR A 183 -1.69 -8.74 -1.13
CA THR A 183 -2.43 -7.52 -1.42
C THR A 183 -2.40 -7.32 -2.93
N PHE A 184 -1.21 -7.40 -3.51
CA PHE A 184 -1.08 -7.16 -4.94
C PHE A 184 -1.83 -8.19 -5.80
N GLY A 185 -1.54 -9.47 -5.61
CA GLY A 185 -2.19 -10.53 -6.40
C GLY A 185 -3.68 -10.73 -6.16
N SER A 186 -4.21 -10.22 -5.03
CA SER A 186 -5.60 -10.44 -4.69
C SER A 186 -6.43 -9.18 -4.68
N VAL A 187 -5.81 -8.04 -4.41
CA VAL A 187 -6.52 -6.76 -4.42
C VAL A 187 -6.11 -5.97 -5.66
N GLN A 188 -4.89 -5.46 -5.66
CA GLN A 188 -4.44 -4.48 -6.64
C GLN A 188 -4.63 -4.92 -8.10
N VAL A 189 -4.26 -6.15 -8.38
CA VAL A 189 -4.28 -6.63 -9.77
C VAL A 189 -5.70 -6.67 -10.35
N HIS A 190 -6.69 -6.90 -9.50
CA HIS A 190 -8.08 -7.01 -9.92
C HIS A 190 -8.80 -5.67 -9.95
N ASN A 191 -8.08 -4.60 -9.63
CA ASN A 191 -8.63 -3.26 -9.63
C ASN A 191 -8.08 -2.38 -10.74
N LEU A 192 -7.08 -2.86 -11.46
CA LEU A 192 -6.58 -2.15 -12.63
C LEU A 192 -7.68 -2.10 -13.69
N GLN A 193 -7.88 -0.93 -14.29
CA GLN A 193 -9.00 -0.72 -15.19
C GLN A 193 -8.55 -0.83 -16.65
N PRO A 194 -9.17 -1.74 -17.41
CA PRO A 194 -8.82 -1.93 -18.83
C PRO A 194 -8.94 -0.65 -19.69
N GLU A 195 -9.86 0.25 -19.35
CA GLU A 195 -10.04 1.48 -20.13
C GLU A 195 -8.78 2.35 -20.11
N LYS A 196 -8.19 2.49 -18.93
CA LYS A 196 -7.06 3.38 -18.68
C LYS A 196 -5.70 2.67 -18.74
N VAL A 197 -5.67 1.40 -18.37
CA VAL A 197 -4.41 0.69 -18.25
C VAL A 197 -4.18 -0.11 -19.54
N GLN A 198 -3.06 0.17 -20.21
CA GLN A 198 -2.70 -0.58 -21.41
C GLN A 198 -1.89 -1.82 -21.06
N THR A 199 -0.93 -1.63 -20.17
CA THR A 199 0.08 -2.64 -19.88
C THR A 199 0.42 -2.67 -18.41
N LEU A 200 0.67 -3.87 -17.90
CA LEU A 200 1.32 -4.05 -16.62
C LEU A 200 2.68 -4.63 -16.90
N GLU A 201 3.71 -3.96 -16.40
CA GLU A 201 5.05 -4.42 -16.61
C GLU A 201 5.68 -4.85 -15.29
N ALA A 202 5.93 -6.15 -15.16
CA ALA A 202 6.61 -6.71 -14.01
C ALA A 202 8.13 -6.53 -14.09
N TRP A 203 8.72 -6.17 -12.96
CA TRP A 203 10.16 -6.08 -12.81
C TRP A 203 10.59 -7.08 -11.73
N VAL A 204 11.12 -8.21 -12.19
CA VAL A 204 11.60 -9.24 -11.28
C VAL A 204 13.00 -8.89 -10.76
N ILE A 205 13.10 -8.60 -9.48
CA ILE A 205 14.36 -8.17 -8.86
C ILE A 205 15.15 -9.36 -8.33
N HIS A 206 16.34 -9.57 -8.88
CA HIS A 206 17.24 -10.65 -8.44
C HIS A 206 17.93 -10.35 -7.10
N GLY A 207 18.05 -11.38 -6.24
CA GLY A 207 18.68 -11.26 -4.93
C GLY A 207 19.80 -12.28 -4.78
N SER A 212 20.45 -15.11 -11.45
CA SER A 212 21.41 -15.85 -12.25
C SER A 212 20.80 -16.38 -13.56
N ARG A 213 19.48 -16.27 -13.71
CA ARG A 213 18.76 -16.88 -14.84
C ARG A 213 17.41 -16.17 -15.08
N ASP A 214 16.83 -16.33 -16.27
CA ASP A 214 15.58 -15.61 -16.62
C ASP A 214 14.41 -16.05 -15.73
N LEU A 215 14.09 -15.22 -14.74
CA LEU A 215 12.99 -15.53 -13.82
C LEU A 215 11.62 -15.11 -14.36
N CYS A 216 11.60 -14.47 -15.53
CA CYS A 216 10.34 -14.19 -16.22
C CYS A 216 9.70 -15.47 -16.78
N GLN A 217 10.48 -16.54 -16.92
CA GLN A 217 9.97 -17.86 -17.27
C GLN A 217 9.14 -18.52 -16.16
N ASP A 218 9.26 -18.01 -14.93
CA ASP A 218 8.73 -18.66 -13.73
C ASP A 218 7.25 -18.99 -13.87
N PRO A 219 6.82 -20.14 -13.33
CA PRO A 219 5.42 -20.53 -13.33
C PRO A 219 4.45 -19.48 -12.80
N THR A 220 4.80 -18.82 -11.70
CA THR A 220 3.92 -17.85 -11.05
C THR A 220 3.80 -16.53 -11.83
N ILE A 221 4.82 -16.19 -12.62
CA ILE A 221 4.74 -15.05 -13.51
C ILE A 221 3.73 -15.35 -14.60
N LYS A 222 3.77 -16.59 -15.12
CA LYS A 222 2.80 -17.04 -16.13
C LYS A 222 1.37 -16.97 -15.57
N GLU A 223 1.22 -17.28 -14.28
CA GLU A 223 -0.05 -17.16 -13.57
C GLU A 223 -0.49 -15.68 -13.60
N LEU A 224 0.44 -14.81 -13.25
CA LEU A 224 0.20 -13.37 -13.26
C LEU A 224 -0.28 -12.87 -14.65
N GLU A 225 0.41 -13.35 -15.68
CA GLU A 225 0.08 -13.03 -17.07
C GLU A 225 -1.32 -13.51 -17.44
N SER A 226 -1.66 -14.70 -17.00
CA SER A 226 -3.00 -15.24 -17.22
C SER A 226 -4.09 -14.36 -16.58
N ILE A 227 -3.85 -13.90 -15.36
CA ILE A 227 -4.82 -13.07 -14.63
C ILE A 227 -5.05 -11.78 -15.42
N ILE A 228 -3.95 -11.13 -15.74
CA ILE A 228 -3.96 -9.88 -16.45
C ILE A 228 -4.55 -10.03 -17.86
N SER A 229 -4.14 -11.05 -18.60
CA SER A 229 -4.73 -11.36 -19.91
C SER A 229 -6.26 -11.43 -19.88
N LYS A 230 -6.84 -11.99 -18.83
CA LYS A 230 -8.29 -12.10 -18.72
C LYS A 230 -9.01 -10.75 -18.48
N ARG A 231 -8.25 -9.74 -18.09
CA ARG A 231 -8.78 -8.39 -17.94
C ARG A 231 -8.54 -7.54 -19.20
N ASN A 232 -8.08 -8.18 -20.27
CA ASN A 232 -7.76 -7.51 -21.53
C ASN A 232 -6.64 -6.51 -21.42
N ILE A 233 -5.79 -6.68 -20.40
CA ILE A 233 -4.63 -5.82 -20.24
C ILE A 233 -3.39 -6.57 -20.72
N GLN A 234 -2.55 -5.89 -21.50
CA GLN A 234 -1.30 -6.49 -21.95
C GLN A 234 -0.31 -6.72 -20.78
N PHE A 235 0.56 -7.71 -20.94
CA PHE A 235 1.55 -8.04 -19.91
C PHE A 235 2.97 -7.96 -20.45
N SER A 236 3.90 -7.62 -19.58
CA SER A 236 5.31 -7.53 -19.95
C SER A 236 6.14 -7.84 -18.73
N CYS A 237 7.30 -8.46 -18.92
CA CYS A 237 8.17 -8.82 -17.80
C CYS A 237 9.61 -8.47 -18.14
N LYS A 238 10.36 -8.05 -17.13
CA LYS A 238 11.74 -7.66 -17.32
C LYS A 238 12.55 -8.11 -16.11
N ASN A 239 13.67 -8.78 -16.36
CA ASN A 239 14.58 -9.16 -15.29
C ASN A 239 15.39 -7.95 -14.87
N ILE A 240 15.65 -7.82 -13.57
CA ILE A 240 16.52 -6.79 -13.05
C ILE A 240 17.70 -7.47 -12.35
N TYR A 241 18.72 -7.82 -13.13
CA TYR A 241 19.87 -8.59 -12.66
C TYR A 241 20.69 -7.88 -11.59
N ARG A 242 20.97 -6.59 -11.81
CA ARG A 242 21.80 -5.82 -10.88
C ARG A 242 20.99 -4.66 -10.28
N PRO A 243 20.42 -4.86 -9.08
CA PRO A 243 19.55 -3.85 -8.46
C PRO A 243 20.15 -2.43 -8.41
N ASP A 244 21.30 -2.26 -7.76
CA ASP A 244 21.90 -0.93 -7.59
C ASP A 244 22.28 -0.31 -8.94
N LYS A 245 22.53 -1.15 -9.93
CA LYS A 245 22.83 -0.70 -11.30
C LYS A 245 21.59 -0.13 -11.99
N PHE A 246 20.42 -0.70 -11.69
CA PHE A 246 19.17 -0.23 -12.28
C PHE A 246 18.74 1.12 -11.72
N LEU A 247 18.96 1.30 -10.42
CA LEU A 247 18.67 2.55 -9.71
C LEU A 247 19.32 3.75 -10.39
N GLN A 248 20.59 3.59 -10.76
CA GLN A 248 21.36 4.66 -11.39
C GLN A 248 21.25 4.70 -12.93
N CYS A 249 20.34 3.92 -13.52
CA CYS A 249 20.18 3.88 -14.97
C CYS A 249 18.77 4.24 -15.45
N VAL A 250 17.89 4.62 -14.52
CA VAL A 250 16.49 4.93 -14.85
C VAL A 250 16.37 6.27 -15.60
N LYS A 251 17.03 7.30 -15.08
CA LYS A 251 16.95 8.66 -15.65
C LYS A 251 17.67 8.82 -17.01
N ASN A 252 18.58 7.89 -17.34
CA ASN A 252 19.34 7.93 -18.60
C ASN A 252 18.77 6.94 -19.62
#